data_8P7P
#
_entry.id   8P7P
#
_cell.length_a   41.230
_cell.length_b   74.490
_cell.length_c   101.010
_cell.angle_alpha   90.000
_cell.angle_beta   90.000
_cell.angle_gamma   90.000
#
_symmetry.space_group_name_H-M   'P 21 21 21'
#
loop_
_entity.id
_entity.type
_entity.pdbx_description
1 polymer 'Isopenicillin N synthase'
2 non-polymer '(2~{S})-2-azanyl-6-[[(2~{R})-1-[[(1~{R})-2-methyl-1-sulfo-propyl]amino]-1-oxidanylidene-3-sulfanyl-propan-2-yl]amino]-6-oxidanylidene-hexanoic acid'
3 non-polymer 'SULFATE ION'
4 non-polymer 'FE (III) ION'
5 water water
#
_entity_poly.entity_id   1
_entity_poly.type   'polypeptide(L)'
_entity_poly.pdbx_seq_one_letter_code
;MGSVSKANVPKIDVSPLFGDDQAAKMRVAQQIDAASRDTGFFYAVNHGINVQRLSQKTKEFHMSITPEEKWDLAIRAYNK
EHQDQVRAGYYLSIPGKKAVESFCYLNPNFTPDHPRIQAKTPTHEVNVWPDETKHPGFQDFAEQYYWDVFGLSSALLKGY
ALALGKEENFFARHFKPDDTLASVVLIRYPYLDPYPEAAIKTAADGTKLSFEWHEDVSLITVLYQSNVQNLQVETAAGYQ
DIEADDTGYLINCGSYMAHLTNNYYKAPIHRVKWVNAERQSLPFFVNLGYDSVIDPFDPREPNGKSDREPLSYGDYLQNG
LVSLINKNGQT
;
_entity_poly.pdbx_strand_id   A
#
# COMPACT_ATOMS: atom_id res chain seq x y z
N GLY A 2 -26.66 0.49 -16.93
CA GLY A 2 -25.64 0.58 -15.90
C GLY A 2 -24.80 -0.68 -15.81
N SER A 3 -24.00 -0.91 -16.85
CA SER A 3 -23.10 -2.05 -16.91
C SER A 3 -21.67 -1.60 -16.66
N VAL A 4 -20.86 -2.52 -16.13
CA VAL A 4 -19.50 -2.23 -15.68
C VAL A 4 -18.54 -3.10 -16.46
N SER A 5 -17.60 -2.46 -17.17
CA SER A 5 -16.57 -3.17 -17.91
C SER A 5 -15.40 -3.50 -16.99
N LYS A 6 -14.42 -4.23 -17.51
CA LYS A 6 -13.30 -4.71 -16.73
C LYS A 6 -12.01 -4.04 -17.19
N ALA A 7 -11.19 -3.63 -16.22
CA ALA A 7 -9.93 -2.99 -16.54
C ALA A 7 -8.92 -3.99 -17.09
N ASN A 8 -8.07 -3.52 -18.00
CA ASN A 8 -6.95 -4.33 -18.46
C ASN A 8 -5.84 -4.24 -17.41
N VAL A 9 -5.61 -5.35 -16.72
CA VAL A 9 -4.57 -5.45 -15.70
C VAL A 9 -3.58 -6.53 -16.13
N PRO A 10 -2.50 -6.17 -16.81
CA PRO A 10 -1.58 -7.18 -17.31
C PRO A 10 -0.80 -7.86 -16.20
N LYS A 11 -0.51 -9.14 -16.39
CA LYS A 11 0.35 -9.88 -15.49
C LYS A 11 1.78 -9.81 -16.01
N ILE A 12 2.66 -9.19 -15.24
CA ILE A 12 4.02 -8.88 -15.67
C ILE A 12 4.99 -9.77 -14.88
N ASP A 13 5.70 -10.64 -15.60
CA ASP A 13 6.76 -11.43 -14.99
C ASP A 13 7.89 -10.50 -14.58
N VAL A 14 7.99 -10.20 -13.28
CA VAL A 14 8.97 -9.25 -12.78
C VAL A 14 10.28 -9.92 -12.38
N SER A 15 10.41 -11.23 -12.58
CA SER A 15 11.62 -11.93 -12.14
C SER A 15 12.92 -11.40 -12.75
N PRO A 16 12.97 -10.91 -14.00
CA PRO A 16 14.24 -10.35 -14.50
C PRO A 16 14.75 -9.19 -13.67
N LEU A 17 13.88 -8.49 -12.92
CA LEU A 17 14.31 -7.35 -12.11
C LEU A 17 15.19 -7.76 -10.94
N PHE A 18 15.23 -9.05 -10.60
CA PHE A 18 16.15 -9.53 -9.58
C PHE A 18 17.50 -9.96 -10.15
N GLY A 19 17.62 -10.08 -11.47
CA GLY A 19 18.80 -10.63 -12.11
C GLY A 19 19.72 -9.57 -12.67
N ASP A 20 20.61 -10.01 -13.58
CA ASP A 20 21.61 -9.14 -14.19
C ASP A 20 21.48 -9.10 -15.70
N ASP A 21 20.36 -9.56 -16.25
CA ASP A 21 20.07 -9.45 -17.68
C ASP A 21 19.46 -8.06 -17.90
N GLN A 22 20.28 -7.12 -18.36
CA GLN A 22 19.83 -5.73 -18.43
C GLN A 22 18.80 -5.51 -19.54
N ALA A 23 18.95 -6.23 -20.65
CA ALA A 23 17.93 -6.14 -21.71
C ALA A 23 16.60 -6.72 -21.26
N ALA A 24 16.65 -7.83 -20.51
CA ALA A 24 15.43 -8.42 -19.98
C ALA A 24 14.73 -7.48 -19.02
N LYS A 25 15.50 -6.72 -18.23
CA LYS A 25 14.91 -5.71 -17.36
C LYS A 25 14.17 -4.65 -18.15
N MET A 26 14.77 -4.18 -19.25
CA MET A 26 14.14 -3.15 -20.06
C MET A 26 12.82 -3.63 -20.63
N ARG A 27 12.73 -4.92 -20.97
CA ARG A 27 11.47 -5.47 -21.48
C ARG A 27 10.42 -5.52 -20.38
N VAL A 28 10.85 -5.79 -19.13
CA VAL A 28 9.93 -5.64 -18.01
C VAL A 28 9.57 -4.17 -17.81
N ALA A 29 10.56 -3.29 -17.92
CA ALA A 29 10.31 -1.86 -17.71
C ALA A 29 9.33 -1.31 -18.75
N GLN A 30 9.39 -1.83 -19.98
CA GLN A 30 8.42 -1.43 -20.99
C GLN A 30 7.01 -1.82 -20.57
N GLN A 31 6.85 -3.06 -20.07
CA GLN A 31 5.53 -3.51 -19.63
C GLN A 31 5.02 -2.67 -18.46
N ILE A 32 5.91 -2.30 -17.53
CA ILE A 32 5.51 -1.42 -16.44
C ILE A 32 5.11 -0.06 -16.98
N ASP A 33 5.82 0.44 -17.99
CA ASP A 33 5.50 1.72 -18.59
C ASP A 33 4.12 1.68 -19.24
N ALA A 34 3.83 0.61 -20.00
CA ALA A 34 2.56 0.52 -20.69
C ALA A 34 1.39 0.45 -19.70
N ALA A 35 1.56 -0.32 -18.62
CA ALA A 35 0.50 -0.41 -17.62
C ALA A 35 0.32 0.90 -16.88
N SER A 36 1.42 1.58 -16.54
CA SER A 36 1.32 2.84 -15.81
C SER A 36 0.66 3.93 -16.63
N ARG A 37 0.78 3.85 -17.96
CA ARG A 37 0.14 4.82 -18.84
C ARG A 37 -1.30 4.46 -19.18
N ASP A 38 -1.71 3.22 -18.94
CA ASP A 38 -3.08 2.79 -19.20
C ASP A 38 -3.95 2.99 -17.96
N THR A 39 -4.40 1.89 -17.36
CA THR A 39 -5.23 1.97 -16.17
C THR A 39 -4.44 2.29 -14.91
N GLY A 40 -3.13 2.00 -14.90
CA GLY A 40 -2.29 2.26 -13.76
C GLY A 40 -2.01 1.06 -12.88
N PHE A 41 -2.69 -0.06 -13.11
CA PHE A 41 -2.52 -1.26 -12.31
C PHE A 41 -1.89 -2.36 -13.15
N PHE A 42 -1.07 -3.18 -12.49
CA PHE A 42 -0.60 -4.43 -13.08
C PHE A 42 -0.37 -5.44 -11.97
N TYR A 43 -0.39 -6.71 -12.33
CA TYR A 43 -0.10 -7.81 -11.41
C TYR A 43 1.34 -8.25 -11.60
N ALA A 44 2.11 -8.22 -10.52
CA ALA A 44 3.48 -8.72 -10.53
C ALA A 44 3.45 -10.22 -10.23
N VAL A 45 3.90 -11.02 -11.20
CA VAL A 45 3.94 -12.46 -11.06
C VAL A 45 5.40 -12.92 -11.11
N ASN A 46 5.62 -14.17 -10.70
CA ASN A 46 6.97 -14.72 -10.55
C ASN A 46 7.81 -13.84 -9.61
N HIS A 47 7.21 -13.51 -8.47
CA HIS A 47 7.75 -12.53 -7.53
C HIS A 47 8.58 -13.16 -6.41
N GLY A 48 8.44 -14.46 -6.17
CA GLY A 48 9.29 -15.16 -5.22
C GLY A 48 8.86 -15.13 -3.77
N ILE A 49 7.70 -14.52 -3.46
CA ILE A 49 7.21 -14.47 -2.09
C ILE A 49 6.16 -15.57 -1.90
N ASN A 50 6.29 -16.30 -0.79
CA ASN A 50 5.32 -17.32 -0.40
C ASN A 50 4.08 -16.62 0.14
N VAL A 51 3.18 -16.21 -0.75
CA VAL A 51 1.96 -15.53 -0.35
C VAL A 51 0.93 -16.48 0.26
N GLN A 52 1.17 -17.80 0.20
CA GLN A 52 0.26 -18.74 0.83
C GLN A 52 0.41 -18.74 2.34
N ARG A 53 1.67 -18.77 2.82
CA ARG A 53 1.92 -18.67 4.24
C ARG A 53 1.60 -17.28 4.77
N LEU A 54 1.73 -16.25 3.93
CA LEU A 54 1.35 -14.91 4.34
C LEU A 54 -0.12 -14.83 4.69
N SER A 55 -0.98 -15.41 3.83
CA SER A 55 -2.42 -15.39 4.09
C SER A 55 -2.79 -16.28 5.26
N GLN A 56 -2.06 -17.37 5.46
CA GLN A 56 -2.36 -18.27 6.58
C GLN A 56 -2.12 -17.57 7.91
N LYS A 57 -0.91 -17.05 8.11
CA LYS A 57 -0.59 -16.39 9.38
C LYS A 57 -1.45 -15.15 9.60
N THR A 58 -1.85 -14.47 8.54
CA THR A 58 -2.74 -13.33 8.68
C THR A 58 -4.12 -13.78 9.15
N LYS A 59 -4.63 -14.88 8.60
CA LYS A 59 -5.95 -15.36 9.00
C LYS A 59 -5.96 -15.81 10.46
N GLU A 60 -4.91 -16.51 10.90
CA GLU A 60 -4.85 -16.98 12.28
C GLU A 60 -4.86 -15.81 13.25
N PHE A 61 -4.19 -14.71 12.92
CA PHE A 61 -4.10 -13.57 13.82
C PHE A 61 -5.45 -12.90 14.01
N HIS A 62 -6.10 -12.53 12.90
CA HIS A 62 -7.38 -11.82 12.98
C HIS A 62 -8.43 -12.63 13.73
N MET A 63 -8.46 -13.95 13.51
CA MET A 63 -9.51 -14.78 14.07
C MET A 63 -9.27 -15.16 15.53
N SER A 64 -8.06 -14.95 16.06
CA SER A 64 -7.73 -15.38 17.42
C SER A 64 -7.54 -14.22 18.39
N ILE A 65 -7.38 -12.99 17.91
CA ILE A 65 -7.15 -11.85 18.79
C ILE A 65 -8.46 -11.46 19.47
N THR A 66 -8.38 -11.16 20.76
CA THR A 66 -9.53 -10.91 21.60
C THR A 66 -9.80 -9.41 21.75
N PRO A 67 -11.02 -9.04 22.16
CA PRO A 67 -11.29 -7.61 22.42
C PRO A 67 -10.33 -6.97 23.40
N GLU A 68 -9.84 -7.73 24.39
CA GLU A 68 -8.87 -7.19 25.34
C GLU A 68 -7.56 -6.82 24.64
N GLU A 69 -7.05 -7.73 23.81
CA GLU A 69 -5.80 -7.46 23.10
C GLU A 69 -5.96 -6.31 22.10
N LYS A 70 -7.15 -6.19 21.51
CA LYS A 70 -7.38 -5.11 20.55
C LYS A 70 -7.31 -3.74 21.23
N TRP A 71 -7.92 -3.61 22.42
CA TRP A 71 -7.76 -2.39 23.19
C TRP A 71 -6.30 -2.15 23.54
N ASP A 72 -5.58 -3.21 23.93
CA ASP A 72 -4.20 -3.06 24.37
C ASP A 72 -3.29 -2.62 23.22
N LEU A 73 -3.67 -2.91 21.99
CA LEU A 73 -2.87 -2.54 20.82
C LEU A 73 -3.46 -1.37 20.04
N ALA A 74 -4.60 -0.83 20.49
CA ALA A 74 -5.35 0.11 19.67
C ALA A 74 -4.58 1.39 19.42
N ILE A 75 -4.75 1.95 18.22
CA ILE A 75 -4.16 3.24 17.86
C ILE A 75 -4.89 4.33 18.63
N ARG A 76 -4.37 5.56 18.54
CA ARG A 76 -4.92 6.68 19.32
C ARG A 76 -6.38 6.95 18.96
N ALA A 77 -6.78 6.70 17.71
CA ALA A 77 -8.16 6.95 17.29
C ALA A 77 -9.17 6.12 18.07
N TYR A 78 -8.76 4.99 18.64
CA TYR A 78 -9.64 4.14 19.42
C TYR A 78 -9.29 4.08 20.90
N ASN A 79 -8.10 4.54 21.28
CA ASN A 79 -7.64 4.47 22.66
C ASN A 79 -6.90 5.76 22.98
N LYS A 80 -7.50 6.61 23.82
CA LYS A 80 -6.89 7.88 24.19
C LYS A 80 -5.58 7.69 24.96
N GLU A 81 -5.36 6.51 25.55
CA GLU A 81 -4.14 6.28 26.31
C GLU A 81 -2.92 6.12 25.42
N HIS A 82 -3.10 5.87 24.12
CA HIS A 82 -1.97 5.57 23.24
C HIS A 82 -1.69 6.73 22.30
N GLN A 83 -1.30 7.87 22.87
CA GLN A 83 -1.10 9.09 22.08
C GLN A 83 0.02 8.95 21.05
N ASP A 84 0.96 8.04 21.26
CA ASP A 84 2.06 7.85 20.32
C ASP A 84 1.68 6.98 19.13
N GLN A 85 0.50 6.34 19.16
CA GLN A 85 0.09 5.41 18.10
C GLN A 85 -0.81 6.14 17.12
N VAL A 86 -0.19 6.91 16.22
CA VAL A 86 -0.94 7.55 15.15
C VAL A 86 -1.07 6.60 13.96
N ARG A 87 -0.03 5.83 13.69
CA ARG A 87 0.01 4.93 12.54
C ARG A 87 -0.06 3.45 12.91
N ALA A 88 0.79 3.00 13.83
CA ALA A 88 0.94 1.59 14.12
C ALA A 88 0.04 1.18 15.28
N GLY A 89 -0.56 0.00 15.15
CA GLY A 89 -1.44 -0.55 16.14
C GLY A 89 -2.65 -1.16 15.50
N TYR A 90 -3.64 -1.52 16.32
CA TYR A 90 -4.84 -2.16 15.84
C TYR A 90 -5.92 -1.13 15.52
N TYR A 91 -6.66 -1.39 14.44
CA TYR A 91 -7.76 -0.55 13.99
C TYR A 91 -9.03 -1.34 14.23
N LEU A 92 -9.78 -0.97 15.27
CA LEU A 92 -10.90 -1.79 15.71
C LEU A 92 -12.10 -1.64 14.78
N SER A 93 -12.79 -2.76 14.55
CA SER A 93 -14.11 -2.70 13.93
C SER A 93 -15.13 -2.21 14.97
N ILE A 94 -16.27 -1.76 14.46
CA ILE A 94 -17.37 -1.33 15.31
C ILE A 94 -18.61 -2.10 14.89
N PRO A 95 -18.95 -3.20 15.58
CA PRO A 95 -20.08 -4.03 15.15
C PRO A 95 -21.36 -3.22 15.00
N GLY A 96 -22.02 -3.39 13.85
CA GLY A 96 -23.20 -2.64 13.53
C GLY A 96 -22.94 -1.33 12.83
N LYS A 97 -21.70 -0.87 12.78
CA LYS A 97 -21.39 0.43 12.19
C LYS A 97 -20.22 0.35 11.22
N LYS A 98 -19.22 -0.47 11.54
CA LYS A 98 -17.97 -0.49 10.79
C LYS A 98 -17.46 -1.93 10.72
N ALA A 99 -17.35 -2.46 9.50
CA ALA A 99 -16.98 -3.86 9.34
C ALA A 99 -15.47 -4.06 9.37
N VAL A 100 -14.72 -3.15 8.73
CA VAL A 100 -13.30 -3.38 8.52
C VAL A 100 -12.52 -3.24 9.84
N GLU A 101 -11.47 -4.04 9.97
CA GLU A 101 -10.50 -3.93 11.05
C GLU A 101 -9.14 -4.34 10.51
N SER A 102 -8.08 -3.87 11.16
CA SER A 102 -6.75 -4.08 10.60
C SER A 102 -5.69 -3.90 11.67
N PHE A 103 -4.46 -4.29 11.32
CA PHE A 103 -3.28 -4.10 12.16
C PHE A 103 -2.18 -3.56 11.27
N CYS A 104 -1.67 -2.38 11.60
CA CYS A 104 -0.63 -1.72 10.82
C CYS A 104 0.66 -1.69 11.61
N TYR A 105 1.78 -2.04 10.96
CA TYR A 105 3.09 -1.94 11.57
C TYR A 105 4.07 -1.33 10.58
N LEU A 106 5.16 -0.79 11.12
CA LEU A 106 6.11 0.02 10.38
C LEU A 106 7.48 -0.68 10.34
N ASN A 107 8.49 0.10 9.95
CA ASN A 107 9.87 -0.34 9.90
C ASN A 107 10.28 -0.96 11.24
N PRO A 108 10.61 -2.26 11.27
CA PRO A 108 11.06 -2.86 12.55
C PRO A 108 12.32 -2.24 13.10
N ASN A 109 13.09 -1.51 12.30
CA ASN A 109 14.27 -0.83 12.79
C ASN A 109 13.94 0.44 13.57
N PHE A 110 12.67 0.83 13.64
CA PHE A 110 12.25 1.95 14.46
C PHE A 110 12.15 1.47 15.91
N THR A 111 13.25 1.61 16.64
CA THR A 111 13.34 1.20 18.04
C THR A 111 13.60 2.44 18.88
N PRO A 112 13.56 2.34 20.23
CA PRO A 112 13.95 3.50 21.05
C PRO A 112 15.35 4.01 20.76
N ASP A 113 16.23 3.19 20.18
CA ASP A 113 17.57 3.63 19.82
C ASP A 113 17.60 4.47 18.55
N HIS A 114 16.58 4.37 17.71
CA HIS A 114 16.60 5.03 16.40
C HIS A 114 16.56 6.55 16.58
N PRO A 115 17.40 7.30 15.85
CA PRO A 115 17.42 8.76 16.06
C PRO A 115 16.12 9.45 15.74
N ARG A 116 15.36 8.94 14.77
CA ARG A 116 14.05 9.53 14.48
C ARG A 116 13.07 9.33 15.62
N ILE A 117 13.16 8.20 16.31
CA ILE A 117 12.37 8.00 17.52
C ILE A 117 12.87 8.91 18.64
N GLN A 118 14.20 8.99 18.80
CA GLN A 118 14.77 9.85 19.82
C GLN A 118 14.37 11.31 19.60
N ALA A 119 14.34 11.76 18.35
CA ALA A 119 13.96 13.12 18.03
C ALA A 119 12.46 13.33 17.96
N LYS A 120 11.67 12.26 18.09
CA LYS A 120 10.21 12.32 18.04
C LYS A 120 9.73 12.93 16.72
N THR A 121 10.34 12.50 15.62
CA THR A 121 9.95 12.99 14.32
C THR A 121 8.58 12.40 13.94
N PRO A 122 7.67 13.22 13.41
CA PRO A 122 6.36 12.69 13.01
C PRO A 122 6.49 11.55 12.01
N THR A 123 5.48 10.67 12.03
CA THR A 123 5.34 9.49 11.17
C THR A 123 6.26 8.36 11.60
N HIS A 124 7.15 8.59 12.56
CA HIS A 124 8.01 7.55 13.09
C HIS A 124 7.46 7.06 14.43
N GLU A 125 7.22 5.75 14.52
CA GLU A 125 6.70 5.13 15.73
C GLU A 125 7.36 3.78 15.92
N VAL A 126 7.38 3.32 17.17
CA VAL A 126 7.85 1.99 17.50
C VAL A 126 6.66 1.03 17.47
N ASN A 127 6.79 -0.06 16.71
CA ASN A 127 5.69 -0.99 16.53
C ASN A 127 5.23 -1.57 17.86
N VAL A 128 3.93 -1.84 17.95
CA VAL A 128 3.35 -2.56 19.06
C VAL A 128 2.98 -3.95 18.59
N TRP A 129 3.10 -4.93 19.48
CA TRP A 129 2.92 -6.33 19.12
C TRP A 129 2.12 -7.03 20.19
N PRO A 130 1.33 -8.04 19.82
CA PRO A 130 0.59 -8.82 20.82
C PRO A 130 1.53 -9.70 21.64
N ASP A 131 0.98 -10.37 22.65
CA ASP A 131 1.79 -11.26 23.47
C ASP A 131 2.28 -12.44 22.65
N GLU A 132 3.58 -12.73 22.77
CA GLU A 132 4.17 -13.81 21.97
C GLU A 132 3.49 -15.15 22.25
N THR A 133 3.23 -15.44 23.53
CA THR A 133 2.65 -16.74 23.88
C THR A 133 1.21 -16.86 23.41
N LYS A 134 0.48 -15.74 23.31
CA LYS A 134 -0.89 -15.76 22.82
C LYS A 134 -0.95 -15.80 21.29
N HIS A 135 0.08 -15.30 20.62
CA HIS A 135 0.15 -15.32 19.15
C HIS A 135 1.53 -15.84 18.74
N PRO A 136 1.77 -17.13 18.89
CA PRO A 136 3.12 -17.67 18.70
C PRO A 136 3.61 -17.45 17.28
N GLY A 137 4.81 -16.88 17.16
CA GLY A 137 5.44 -16.67 15.87
C GLY A 137 4.86 -15.56 15.03
N PHE A 138 3.85 -14.83 15.53
CA PHE A 138 3.22 -13.80 14.70
C PHE A 138 4.17 -12.66 14.41
N GLN A 139 4.86 -12.14 15.43
CA GLN A 139 5.75 -11.01 15.21
C GLN A 139 6.93 -11.38 14.31
N ASP A 140 7.48 -12.59 14.49
CA ASP A 140 8.57 -13.04 13.63
C ASP A 140 8.12 -13.14 12.19
N PHE A 141 6.94 -13.72 11.96
CA PHE A 141 6.38 -13.79 10.61
C PHE A 141 6.18 -12.40 10.03
N ALA A 142 5.62 -11.48 10.83
CA ALA A 142 5.29 -10.16 10.32
C ALA A 142 6.53 -9.37 9.97
N GLU A 143 7.56 -9.43 10.81
CA GLU A 143 8.78 -8.68 10.54
C GLU A 143 9.52 -9.25 9.33
N GLN A 144 9.54 -10.59 9.20
CA GLN A 144 10.17 -11.18 8.03
C GLN A 144 9.40 -10.85 6.76
N TYR A 145 8.07 -10.82 6.83
CA TYR A 145 7.29 -10.44 5.65
C TYR A 145 7.58 -9.00 5.24
N TYR A 146 7.82 -8.12 6.21
CA TYR A 146 8.16 -6.74 5.90
C TYR A 146 9.39 -6.67 5.01
N TRP A 147 10.41 -7.49 5.32
CA TRP A 147 11.63 -7.48 4.54
C TRP A 147 11.52 -8.31 3.26
N ASP A 148 10.69 -9.36 3.27
CA ASP A 148 10.38 -10.07 2.03
C ASP A 148 9.80 -9.10 1.00
N VAL A 149 8.75 -8.36 1.39
CA VAL A 149 8.10 -7.47 0.44
C VAL A 149 8.95 -6.22 0.19
N PHE A 150 9.82 -5.86 1.14
CA PHE A 150 10.79 -4.79 0.88
C PHE A 150 11.68 -5.17 -0.29
N GLY A 151 12.13 -6.42 -0.33
CA GLY A 151 13.00 -6.85 -1.42
C GLY A 151 12.29 -6.84 -2.77
N LEU A 152 11.05 -7.32 -2.80
CA LEU A 152 10.27 -7.27 -4.02
C LEU A 152 10.03 -5.83 -4.47
N SER A 153 9.63 -4.97 -3.52
CA SER A 153 9.37 -3.58 -3.84
C SER A 153 10.61 -2.88 -4.38
N SER A 154 11.78 -3.20 -3.82
N SER A 154 11.78 -3.22 -3.83
CA SER A 154 13.03 -2.61 -4.30
CA SER A 154 13.02 -2.60 -4.30
C SER A 154 13.26 -2.95 -5.77
C SER A 154 13.28 -2.96 -5.77
N ALA A 155 13.02 -4.20 -6.14
CA ALA A 155 13.18 -4.60 -7.54
C ALA A 155 12.14 -3.94 -8.42
N LEU A 156 10.89 -3.86 -7.95
CA LEU A 156 9.86 -3.15 -8.69
C LEU A 156 10.26 -1.70 -8.93
N LEU A 157 10.89 -1.06 -7.93
CA LEU A 157 11.33 0.32 -8.10
C LEU A 157 12.40 0.44 -9.18
N LYS A 158 13.21 -0.61 -9.37
CA LYS A 158 14.16 -0.61 -10.48
C LYS A 158 13.45 -0.63 -11.82
N GLY A 159 12.34 -1.38 -11.90
CA GLY A 159 11.57 -1.40 -13.14
C GLY A 159 10.95 -0.05 -13.46
N TYR A 160 10.37 0.60 -12.44
CA TYR A 160 9.79 1.92 -12.64
C TYR A 160 10.86 2.93 -13.08
N ALA A 161 12.05 2.84 -12.49
CA ALA A 161 13.12 3.78 -12.83
C ALA A 161 13.55 3.61 -14.28
N LEU A 162 13.75 2.37 -14.72
CA LEU A 162 14.12 2.13 -16.11
C LEU A 162 12.98 2.50 -17.06
N ALA A 163 11.73 2.28 -16.63
CA ALA A 163 10.59 2.62 -17.47
C ALA A 163 10.54 4.12 -17.77
N LEU A 164 10.97 4.94 -16.81
CA LEU A 164 10.97 6.38 -16.97
C LEU A 164 12.23 6.92 -17.61
N GLY A 165 13.14 6.04 -18.07
CA GLY A 165 14.35 6.47 -18.71
C GLY A 165 15.50 6.81 -17.77
N LYS A 166 15.43 6.38 -16.52
CA LYS A 166 16.44 6.71 -15.53
C LYS A 166 17.32 5.51 -15.24
N GLU A 167 18.38 5.76 -14.47
N GLU A 167 18.38 5.76 -14.47
CA GLU A 167 19.18 4.66 -13.95
CA GLU A 167 19.19 4.68 -13.94
C GLU A 167 18.36 3.86 -12.95
C GLU A 167 18.36 3.86 -12.95
N GLU A 168 18.66 2.57 -12.86
CA GLU A 168 17.76 1.64 -12.16
C GLU A 168 17.63 1.93 -10.67
N ASN A 169 18.53 2.72 -10.08
CA ASN A 169 18.45 3.06 -8.66
C ASN A 169 17.86 4.44 -8.43
N PHE A 170 17.17 5.01 -9.42
CA PHE A 170 16.65 6.36 -9.28
C PHE A 170 15.70 6.49 -8.10
N PHE A 171 14.84 5.48 -7.89
CA PHE A 171 13.96 5.44 -6.74
C PHE A 171 14.52 4.61 -5.59
N ALA A 172 15.16 3.47 -5.91
CA ALA A 172 15.56 2.52 -4.88
C ALA A 172 16.62 3.09 -3.94
N ARG A 173 17.42 4.06 -4.41
CA ARG A 173 18.45 4.63 -3.56
C ARG A 173 17.87 5.39 -2.37
N HIS A 174 16.62 5.85 -2.48
CA HIS A 174 15.91 6.49 -1.37
C HIS A 174 15.14 5.50 -0.53
N PHE A 175 15.16 4.22 -0.88
CA PHE A 175 14.37 3.18 -0.22
C PHE A 175 15.34 2.29 0.56
N LYS A 176 15.48 2.57 1.85
CA LYS A 176 16.51 1.94 2.67
C LYS A 176 15.93 1.34 3.94
N PRO A 177 16.49 0.22 4.40
CA PRO A 177 15.95 -0.42 5.61
C PRO A 177 16.11 0.41 6.87
N ASP A 178 17.08 1.32 6.92
CA ASP A 178 17.34 2.07 8.14
C ASP A 178 16.43 3.27 8.33
N ASP A 179 15.64 3.65 7.31
CA ASP A 179 14.83 4.85 7.45
C ASP A 179 13.50 4.81 6.70
N THR A 180 13.16 3.73 6.00
CA THR A 180 11.95 3.73 5.20
C THR A 180 10.71 3.88 6.08
N LEU A 181 9.80 4.74 5.64
CA LEU A 181 8.51 4.93 6.31
C LEU A 181 7.45 3.98 5.78
N ALA A 182 7.86 2.93 5.06
CA ALA A 182 6.92 1.97 4.51
C ALA A 182 6.15 1.27 5.62
N SER A 183 4.93 0.85 5.30
CA SER A 183 4.05 0.23 6.28
C SER A 183 3.40 -1.00 5.67
N VAL A 184 3.06 -1.94 6.55
CA VAL A 184 2.23 -3.09 6.21
C VAL A 184 0.93 -2.95 6.98
N VAL A 185 -0.20 -3.20 6.32
CA VAL A 185 -1.50 -3.21 6.97
C VAL A 185 -2.14 -4.56 6.70
N LEU A 186 -2.50 -5.27 7.77
CA LEU A 186 -3.16 -6.57 7.67
C LEU A 186 -4.65 -6.34 7.87
N ILE A 187 -5.38 -6.20 6.77
CA ILE A 187 -6.79 -5.81 6.79
C ILE A 187 -7.65 -7.06 6.73
N ARG A 188 -8.65 -7.15 7.60
CA ARG A 188 -9.69 -8.16 7.51
C ARG A 188 -11.00 -7.49 7.12
N TYR A 189 -11.61 -7.98 6.04
CA TYR A 189 -12.97 -7.59 5.68
C TYR A 189 -13.89 -8.77 5.98
N PRO A 190 -14.77 -8.68 6.96
CA PRO A 190 -15.51 -9.85 7.42
C PRO A 190 -16.77 -10.13 6.61
N TYR A 191 -17.17 -11.39 6.64
CA TYR A 191 -18.52 -11.76 6.25
C TYR A 191 -19.45 -11.50 7.42
N LEU A 192 -20.57 -10.84 7.14
CA LEU A 192 -21.51 -10.45 8.18
C LEU A 192 -22.93 -10.74 7.71
N ASP A 193 -23.73 -11.32 8.61
CA ASP A 193 -25.13 -11.60 8.31
C ASP A 193 -25.96 -11.35 9.57
N PRO A 194 -26.74 -10.26 9.62
CA PRO A 194 -26.89 -9.29 8.52
C PRO A 194 -25.74 -8.30 8.44
N TYR A 195 -25.49 -7.78 7.25
CA TYR A 195 -24.44 -6.79 7.07
C TYR A 195 -24.96 -5.41 7.45
N PRO A 196 -24.28 -4.67 8.32
CA PRO A 196 -24.78 -3.35 8.74
C PRO A 196 -24.76 -2.36 7.58
N GLU A 197 -25.94 -1.80 7.27
CA GLU A 197 -26.03 -0.80 6.22
C GLU A 197 -25.20 0.43 6.53
N ALA A 198 -25.01 0.74 7.82
CA ALA A 198 -24.18 1.88 8.20
C ALA A 198 -22.72 1.68 7.80
N ALA A 199 -22.31 0.44 7.55
CA ALA A 199 -20.96 0.14 7.09
C ALA A 199 -20.84 0.18 5.57
N ILE A 200 -21.94 0.44 4.86
CA ILE A 200 -21.96 0.47 3.40
C ILE A 200 -22.16 1.91 2.95
N LYS A 201 -21.33 2.36 2.01
CA LYS A 201 -21.44 3.68 1.43
C LYS A 201 -21.93 3.56 -0.01
N THR A 202 -22.65 4.59 -0.46
CA THR A 202 -23.24 4.61 -1.80
C THR A 202 -22.51 5.64 -2.65
N ALA A 203 -21.88 5.18 -3.73
CA ALA A 203 -21.20 6.09 -4.63
C ALA A 203 -22.20 6.92 -5.40
N ALA A 204 -21.69 7.95 -6.09
CA ALA A 204 -22.56 8.82 -6.89
C ALA A 204 -23.28 8.02 -7.98
N ASP A 205 -22.61 7.01 -8.55
CA ASP A 205 -23.20 6.22 -9.61
C ASP A 205 -24.06 5.07 -9.09
N GLY A 206 -24.29 5.00 -7.77
CA GLY A 206 -25.14 4.00 -7.18
C GLY A 206 -24.43 2.77 -6.66
N THR A 207 -23.14 2.61 -6.94
CA THR A 207 -22.41 1.43 -6.51
C THR A 207 -22.22 1.44 -4.99
N LYS A 208 -22.48 0.29 -4.36
CA LYS A 208 -22.27 0.15 -2.93
C LYS A 208 -20.80 -0.13 -2.65
N LEU A 209 -20.22 0.64 -1.73
CA LEU A 209 -18.78 0.65 -1.50
C LEU A 209 -18.46 0.36 -0.04
N SER A 210 -17.28 -0.22 0.18
CA SER A 210 -16.70 -0.31 1.52
C SER A 210 -15.73 0.83 1.80
N PHE A 211 -15.14 1.41 0.75
CA PHE A 211 -14.17 2.49 0.87
C PHE A 211 -14.24 3.32 -0.39
N GLU A 212 -14.35 4.64 -0.24
CA GLU A 212 -14.64 5.52 -1.37
C GLU A 212 -13.39 5.75 -2.22
N TRP A 213 -13.57 6.56 -3.27
CA TRP A 213 -12.50 6.81 -4.23
C TRP A 213 -11.35 7.55 -3.57
N HIS A 214 -10.13 7.29 -4.05
CA HIS A 214 -8.95 7.89 -3.48
C HIS A 214 -7.76 7.56 -4.37
N GLU A 215 -6.70 8.36 -4.22
CA GLU A 215 -5.37 8.00 -4.69
C GLU A 215 -4.55 7.53 -3.50
N ASP A 216 -3.68 6.56 -3.75
CA ASP A 216 -2.86 6.01 -2.66
C ASP A 216 -1.82 7.02 -2.21
N VAL A 217 -1.60 7.07 -0.89
CA VAL A 217 -0.52 7.88 -0.32
C VAL A 217 0.70 6.97 -0.25
N SER A 218 1.53 7.03 -1.29
CA SER A 218 2.70 6.17 -1.40
C SER A 218 3.49 6.59 -2.64
N LEU A 219 4.69 6.03 -2.78
CA LEU A 219 5.36 6.04 -4.08
C LEU A 219 4.71 5.02 -5.00
N ILE A 220 4.77 3.75 -4.62
CA ILE A 220 3.95 2.70 -5.21
C ILE A 220 3.33 1.90 -4.07
N THR A 221 2.31 1.12 -4.41
CA THR A 221 1.65 0.24 -3.46
C THR A 221 1.76 -1.20 -3.95
N VAL A 222 2.19 -2.09 -3.06
CA VAL A 222 2.41 -3.50 -3.38
C VAL A 222 1.43 -4.29 -2.52
N LEU A 223 0.36 -4.78 -3.15
CA LEU A 223 -0.82 -5.26 -2.45
C LEU A 223 -1.07 -6.74 -2.74
N TYR A 224 -1.30 -7.52 -1.69
CA TYR A 224 -1.82 -8.87 -1.80
C TYR A 224 -3.26 -8.90 -1.30
N GLN A 225 -4.11 -9.62 -2.02
CA GLN A 225 -5.51 -9.76 -1.66
C GLN A 225 -5.94 -11.20 -1.88
N SER A 226 -6.85 -11.67 -1.03
CA SER A 226 -7.44 -13.00 -1.24
C SER A 226 -8.37 -12.96 -2.44
N ASN A 227 -8.91 -14.13 -2.78
CA ASN A 227 -9.63 -14.32 -4.06
C ASN A 227 -11.08 -13.87 -3.92
N VAL A 228 -11.27 -12.56 -3.73
CA VAL A 228 -12.58 -11.94 -3.69
C VAL A 228 -12.49 -10.62 -4.44
N GLN A 229 -13.18 -10.53 -5.57
CA GLN A 229 -13.12 -9.33 -6.40
C GLN A 229 -13.81 -8.16 -5.69
N ASN A 230 -13.15 -7.00 -5.67
CA ASN A 230 -13.70 -5.85 -4.95
C ASN A 230 -13.22 -4.52 -5.53
N LEU A 231 -12.04 -4.49 -6.13
CA LEU A 231 -11.44 -3.23 -6.53
C LEU A 231 -11.98 -2.75 -7.88
N GLN A 232 -12.02 -1.43 -8.04
CA GLN A 232 -12.39 -0.77 -9.27
C GLN A 232 -11.47 0.42 -9.49
N VAL A 233 -11.03 0.61 -10.73
CA VAL A 233 -10.20 1.74 -11.10
C VAL A 233 -11.02 2.69 -11.96
N GLU A 234 -10.85 4.00 -11.74
CA GLU A 234 -11.58 4.98 -12.53
C GLU A 234 -10.85 5.26 -13.82
N THR A 235 -11.58 5.21 -14.93
CA THR A 235 -11.12 5.64 -16.24
C THR A 235 -12.02 6.76 -16.73
N ALA A 236 -11.69 7.30 -17.90
CA ALA A 236 -12.52 8.34 -18.50
C ALA A 236 -13.91 7.85 -18.83
N ALA A 237 -14.09 6.54 -19.00
CA ALA A 237 -15.39 5.94 -19.29
C ALA A 237 -16.05 5.36 -18.04
N GLY A 238 -15.62 5.76 -16.85
CA GLY A 238 -16.19 5.28 -15.61
C GLY A 238 -15.31 4.23 -14.95
N TYR A 239 -15.81 3.72 -13.83
CA TYR A 239 -15.08 2.75 -13.05
C TYR A 239 -15.13 1.37 -13.68
N GLN A 240 -13.99 0.67 -13.65
CA GLN A 240 -13.85 -0.64 -14.26
C GLN A 240 -13.37 -1.64 -13.21
N ASP A 241 -13.94 -2.83 -13.25
CA ASP A 241 -13.61 -3.86 -12.28
C ASP A 241 -12.18 -4.36 -12.47
N ILE A 242 -11.45 -4.49 -11.37
CA ILE A 242 -10.15 -5.13 -11.36
C ILE A 242 -10.33 -6.56 -10.88
N GLU A 243 -9.91 -7.53 -11.70
CA GLU A 243 -10.10 -8.93 -11.37
C GLU A 243 -9.14 -9.36 -10.27
N ALA A 244 -9.60 -10.28 -9.43
CA ALA A 244 -8.80 -10.76 -8.31
C ALA A 244 -7.78 -11.79 -8.78
N ASP A 245 -6.65 -11.84 -8.06
CA ASP A 245 -5.60 -12.82 -8.34
C ASP A 245 -4.82 -13.01 -7.03
N ASP A 246 -5.11 -14.11 -6.33
CA ASP A 246 -4.51 -14.35 -5.03
C ASP A 246 -3.15 -15.06 -5.13
N THR A 247 -2.52 -15.04 -6.30
CA THR A 247 -1.16 -15.54 -6.45
C THR A 247 -0.15 -14.44 -6.79
N GLY A 248 -0.60 -13.30 -7.27
CA GLY A 248 0.25 -12.18 -7.60
C GLY A 248 0.06 -11.00 -6.69
N TYR A 249 0.88 -9.98 -6.93
CA TYR A 249 0.81 -8.71 -6.21
C TYR A 249 0.27 -7.63 -7.12
N LEU A 250 -0.79 -6.96 -6.68
CA LEU A 250 -1.36 -5.85 -7.44
C LEU A 250 -0.54 -4.60 -7.17
N ILE A 251 -0.04 -3.98 -8.23
CA ILE A 251 0.88 -2.86 -8.13
C ILE A 251 0.24 -1.62 -8.74
N ASN A 252 0.42 -0.47 -8.09
CA ASN A 252 -0.03 0.79 -8.63
C ASN A 252 0.79 1.91 -8.01
N CYS A 253 0.83 3.05 -8.70
CA CYS A 253 1.55 4.21 -8.22
C CYS A 253 0.70 4.99 -7.22
N GLY A 254 1.38 5.65 -6.28
CA GLY A 254 0.74 6.59 -5.40
C GLY A 254 0.93 8.02 -5.88
N SER A 255 0.34 8.96 -5.14
CA SER A 255 0.35 10.36 -5.57
C SER A 255 1.73 10.97 -5.54
N TYR A 256 2.68 10.40 -4.81
CA TYR A 256 4.05 10.92 -4.85
C TYR A 256 4.68 10.67 -6.22
N MET A 257 4.42 9.50 -6.81
CA MET A 257 4.90 9.22 -8.16
C MET A 257 4.27 10.18 -9.17
N ALA A 258 2.97 10.42 -9.04
CA ALA A 258 2.29 11.34 -9.95
C ALA A 258 2.89 12.74 -9.86
N HIS A 259 3.26 13.17 -8.65
CA HIS A 259 3.87 14.49 -8.48
C HIS A 259 5.22 14.57 -9.18
N LEU A 260 6.10 13.60 -8.93
CA LEU A 260 7.48 13.69 -9.41
C LEU A 260 7.58 13.48 -10.92
N THR A 261 6.60 12.82 -11.54
CA THR A 261 6.60 12.61 -12.98
C THR A 261 5.75 13.63 -13.72
N ASN A 262 5.29 14.69 -13.04
CA ASN A 262 4.37 15.65 -13.61
C ASN A 262 3.14 14.96 -14.19
N ASN A 263 2.61 14.00 -13.42
N ASN A 263 2.60 14.01 -13.41
CA ASN A 263 1.42 13.23 -13.75
CA ASN A 263 1.41 13.23 -13.76
C ASN A 263 1.60 12.33 -14.97
C ASN A 263 1.61 12.42 -15.04
N TYR A 264 2.85 12.07 -15.38
CA TYR A 264 3.09 11.16 -16.50
C TYR A 264 2.68 9.74 -16.11
N TYR A 265 3.09 9.30 -14.92
CA TYR A 265 2.56 8.10 -14.29
C TYR A 265 1.54 8.57 -13.24
N LYS A 266 0.27 8.56 -13.61
CA LYS A 266 -0.77 9.01 -12.69
C LYS A 266 -0.89 8.07 -11.50
N ALA A 267 -1.37 8.62 -10.39
CA ALA A 267 -1.84 7.81 -9.28
C ALA A 267 -3.28 7.41 -9.58
N PRO A 268 -3.53 6.16 -9.96
CA PRO A 268 -4.88 5.77 -10.39
C PRO A 268 -5.88 5.89 -9.25
N ILE A 269 -6.98 6.61 -9.52
CA ILE A 269 -8.08 6.67 -8.56
C ILE A 269 -8.80 5.34 -8.55
N HIS A 270 -9.02 4.80 -7.35
CA HIS A 270 -9.68 3.51 -7.21
C HIS A 270 -10.58 3.53 -5.98
N ARG A 271 -11.48 2.56 -5.92
CA ARG A 271 -12.40 2.42 -4.80
C ARG A 271 -12.62 0.94 -4.53
N VAL A 272 -13.22 0.65 -3.38
CA VAL A 272 -13.42 -0.72 -2.92
C VAL A 272 -14.92 -0.98 -2.86
N LYS A 273 -15.41 -1.87 -3.72
CA LYS A 273 -16.83 -2.23 -3.70
C LYS A 273 -17.17 -2.99 -2.42
N TRP A 274 -18.42 -2.83 -1.98
CA TRP A 274 -18.92 -3.65 -0.88
C TRP A 274 -19.18 -5.06 -1.38
N VAL A 275 -18.59 -6.04 -0.70
CA VAL A 275 -18.85 -7.45 -0.95
C VAL A 275 -18.99 -8.13 0.39
N ASN A 276 -20.08 -8.86 0.60
CA ASN A 276 -20.29 -9.61 1.83
C ASN A 276 -19.55 -10.94 1.71
N ALA A 277 -18.24 -10.88 1.91
CA ALA A 277 -17.39 -12.05 1.81
C ALA A 277 -16.18 -11.87 2.71
N GLU A 278 -15.84 -12.91 3.46
CA GLU A 278 -14.63 -12.91 4.27
C GLU A 278 -13.41 -12.85 3.36
N ARG A 279 -12.55 -11.86 3.58
CA ARG A 279 -11.40 -11.68 2.71
C ARG A 279 -10.31 -10.89 3.44
N GLN A 280 -9.09 -10.98 2.91
CA GLN A 280 -7.93 -10.27 3.42
C GLN A 280 -7.41 -9.30 2.37
N SER A 281 -6.91 -8.16 2.82
CA SER A 281 -6.20 -7.21 1.97
C SER A 281 -4.96 -6.77 2.71
N LEU A 282 -3.79 -7.01 2.13
CA LEU A 282 -2.51 -6.82 2.81
C LEU A 282 -1.62 -5.90 2.00
N PRO A 283 -1.85 -4.59 2.07
CA PRO A 283 -1.01 -3.65 1.31
C PRO A 283 0.32 -3.38 1.99
N PHE A 284 1.35 -3.22 1.16
CA PHE A 284 2.65 -2.70 1.59
C PHE A 284 2.84 -1.37 0.88
N PHE A 285 2.72 -0.27 1.64
CA PHE A 285 2.82 1.07 1.08
C PHE A 285 4.29 1.45 1.00
N VAL A 286 4.82 1.52 -0.21
CA VAL A 286 6.23 1.80 -0.44
C VAL A 286 6.45 3.30 -0.20
N ASN A 287 6.93 3.63 0.99
CA ASN A 287 7.28 4.99 1.36
C ASN A 287 8.79 5.13 1.43
N LEU A 288 9.28 6.34 1.20
CA LEU A 288 10.70 6.62 1.24
C LEU A 288 11.08 7.07 2.66
N GLY A 289 12.24 7.70 2.80
CA GLY A 289 12.64 8.25 4.08
C GLY A 289 12.01 9.60 4.36
N TYR A 290 12.13 10.04 5.61
CA TYR A 290 11.49 11.30 6.02
C TYR A 290 12.09 12.48 5.28
N ASP A 291 13.40 12.46 5.06
N ASP A 291 13.40 12.47 5.06
CA ASP A 291 14.12 13.51 4.35
CA ASP A 291 14.06 13.56 4.33
C ASP A 291 14.20 13.29 2.85
C ASP A 291 14.32 13.21 2.88
N SER A 292 13.70 12.15 2.36
CA SER A 292 13.88 11.79 0.96
C SER A 292 13.22 12.81 0.04
N VAL A 293 13.97 13.25 -0.96
CA VAL A 293 13.49 14.26 -1.91
C VAL A 293 13.92 13.82 -3.30
N ILE A 294 12.94 13.67 -4.20
CA ILE A 294 13.19 13.30 -5.59
C ILE A 294 12.87 14.50 -6.47
N ASP A 295 13.84 14.91 -7.28
CA ASP A 295 13.65 16.05 -8.16
C ASP A 295 12.62 15.72 -9.24
N PRO A 296 11.56 16.50 -9.38
CA PRO A 296 10.54 16.19 -10.40
C PRO A 296 11.06 16.40 -11.81
N PHE A 297 10.46 15.66 -12.74
CA PHE A 297 10.83 15.73 -14.15
C PHE A 297 9.59 15.43 -14.98
N ASP A 298 9.67 15.74 -16.27
CA ASP A 298 8.55 15.54 -17.20
C ASP A 298 9.04 14.73 -18.40
N PRO A 299 8.76 13.43 -18.44
CA PRO A 299 9.25 12.60 -19.55
C PRO A 299 8.66 12.96 -20.90
N ARG A 300 7.62 13.78 -20.95
CA ARG A 300 7.03 14.22 -22.22
C ARG A 300 7.74 15.42 -22.83
N GLU A 301 8.61 16.08 -22.07
CA GLU A 301 9.39 17.20 -22.58
C GLU A 301 10.75 16.72 -23.07
N PRO A 302 11.21 17.24 -24.21
CA PRO A 302 12.56 16.89 -24.68
C PRO A 302 13.64 17.12 -23.64
N ASN A 303 13.63 18.27 -22.97
CA ASN A 303 14.58 18.55 -21.91
C ASN A 303 14.21 17.88 -20.59
N GLY A 304 13.05 17.25 -20.51
CA GLY A 304 12.61 16.64 -19.26
C GLY A 304 12.40 17.60 -18.12
N LYS A 305 12.29 18.90 -18.39
CA LYS A 305 12.21 19.89 -17.34
C LYS A 305 10.80 19.94 -16.75
N SER A 306 10.73 20.05 -15.43
CA SER A 306 9.47 20.23 -14.72
C SER A 306 9.61 21.43 -13.79
N ASP A 307 8.50 22.15 -13.61
CA ASP A 307 8.46 23.33 -12.75
C ASP A 307 7.91 23.01 -11.37
N ARG A 308 7.73 21.75 -11.04
CA ARG A 308 7.17 21.37 -9.74
C ARG A 308 8.25 21.37 -8.67
N GLU A 309 7.88 21.78 -7.47
CA GLU A 309 8.82 21.85 -6.37
C GLU A 309 9.25 20.45 -5.94
N PRO A 310 10.51 20.25 -5.59
CA PRO A 310 10.91 19.02 -4.90
C PRO A 310 10.20 18.93 -3.56
N LEU A 311 9.56 17.79 -3.32
CA LEU A 311 8.71 17.58 -2.14
C LEU A 311 9.35 16.56 -1.22
N SER A 312 9.59 16.96 0.03
CA SER A 312 10.14 16.03 1.01
C SER A 312 9.09 14.98 1.37
N TYR A 313 9.51 13.72 1.39
CA TYR A 313 8.54 12.64 1.51
C TYR A 313 7.87 12.62 2.87
N GLY A 314 8.59 12.98 3.93
CA GLY A 314 7.99 12.99 5.26
C GLY A 314 6.80 13.95 5.34
N ASP A 315 6.97 15.16 4.81
CA ASP A 315 5.86 16.12 4.81
C ASP A 315 4.73 15.65 3.89
N TYR A 316 5.07 15.01 2.78
CA TYR A 316 4.04 14.45 1.90
C TYR A 316 3.25 13.37 2.62
N LEU A 317 3.93 12.48 3.34
CA LEU A 317 3.25 11.38 4.01
C LEU A 317 2.37 11.88 5.14
N GLN A 318 2.86 12.82 5.94
CA GLN A 318 2.08 13.34 7.07
C GLN A 318 0.81 14.01 6.58
N ASN A 319 0.93 14.89 5.59
CA ASN A 319 -0.25 15.56 5.04
C ASN A 319 -1.17 14.58 4.34
N GLY A 320 -0.60 13.59 3.67
CA GLY A 320 -1.42 12.67 2.88
C GLY A 320 -2.28 11.75 3.74
N LEU A 321 -1.72 11.25 4.84
CA LEU A 321 -2.47 10.34 5.69
C LEU A 321 -3.58 11.06 6.45
N VAL A 322 -3.32 12.30 6.87
CA VAL A 322 -4.35 13.09 7.55
C VAL A 322 -5.48 13.44 6.58
N SER A 323 -5.12 13.85 5.36
CA SER A 323 -6.13 14.20 4.38
C SER A 323 -7.00 13.00 4.01
N LEU A 324 -6.38 11.82 3.91
CA LEU A 324 -7.14 10.63 3.56
C LEU A 324 -8.14 10.26 4.66
N ILE A 325 -7.73 10.44 5.93
CA ILE A 325 -8.66 10.21 7.04
C ILE A 325 -9.81 11.20 7.00
N ASN A 326 -9.49 12.48 6.73
CA ASN A 326 -10.54 13.49 6.65
C ASN A 326 -11.50 13.21 5.51
N LYS A 327 -10.99 12.71 4.38
CA LYS A 327 -11.82 12.55 3.20
C LYS A 327 -12.62 11.26 3.23
N ASN A 328 -11.98 10.15 3.57
CA ASN A 328 -12.61 8.83 3.49
C ASN A 328 -12.88 8.21 4.86
N GLY A 329 -12.65 8.93 5.95
CA GLY A 329 -13.01 8.47 7.26
C GLY A 329 -11.91 7.69 7.96
N GLN A 330 -12.00 7.65 9.28
CA GLN A 330 -11.07 6.88 10.10
C GLN A 330 -11.28 5.39 9.84
N THR A 331 -10.23 4.71 9.37
CA THR A 331 -10.31 3.29 9.07
C THR A 331 -10.09 2.46 10.33
#